data_6BEJ
#
_entry.id   6BEJ
#
_cell.length_a   60.670
_cell.length_b   72.466
_cell.length_c   87.670
_cell.angle_alpha   90.000
_cell.angle_beta   90.000
_cell.angle_gamma   90.000
#
_symmetry.space_group_name_H-M   'P 21 21 21'
#
loop_
_entity.id
_entity.type
_entity.pdbx_description
1 polymer 'Superoxide dismutase'
2 non-polymer 'MANGANESE (II) ION'
3 water water
#
_entity_poly.entity_id   1
_entity_poly.type   'polypeptide(L)'
_entity_poly.pdbx_seq_one_letter_code
;MAYTLPQLPYAYDALEPNIDAQTMEIHHTKHHQTYINNVNAALEGTEYADLPIEELVSKLKSLPENLQGPVRNNGGGHAN
HSLFWTVLSPNGGGEPKGEVAKAIDKDLGGFEKFKEAFTKAAVSRFGSGWAWLSVTPDKKLVVESTANQDSPLFEGNTPI
LGLDVWEHAYYLKYQNRRPEYIGAFYNAVNWEEVERRYHAAIA
;
_entity_poly.pdbx_strand_id   E,A
#
loop_
_chem_comp.id
_chem_comp.type
_chem_comp.name
_chem_comp.formula
MN non-polymer 'MANGANESE (II) ION' 'Mn 2'
#
# COMPACT_ATOMS: atom_id res chain seq x y z
N ALA A 2 -1.04 28.83 -2.49
CA ALA A 2 -0.78 27.42 -2.20
C ALA A 2 -2.07 26.68 -1.95
N TYR A 3 -2.01 25.35 -2.03
CA TYR A 3 -3.18 24.55 -1.74
C TYR A 3 -3.47 24.55 -0.24
N THR A 4 -4.75 24.37 0.10
CA THR A 4 -5.20 24.31 1.48
C THR A 4 -6.15 23.13 1.65
N LEU A 5 -6.31 22.68 2.89
CA LEU A 5 -7.18 21.53 3.19
C LEU A 5 -8.64 21.90 2.92
N PRO A 6 -9.33 21.24 2.00
CA PRO A 6 -10.74 21.57 1.78
C PRO A 6 -11.57 21.07 2.95
N GLN A 7 -12.60 21.86 3.30
CA GLN A 7 -13.51 21.39 4.34
C GLN A 7 -14.39 20.28 3.76
N LEU A 8 -14.69 19.28 4.59
CA LEU A 8 -15.61 18.24 4.17
C LEU A 8 -17.02 18.82 4.02
N PRO A 9 -17.83 18.25 3.13
CA PRO A 9 -19.22 18.69 3.01
C PRO A 9 -20.13 18.19 4.12
N TYR A 10 -19.58 17.56 5.16
CA TYR A 10 -20.37 16.89 6.18
C TYR A 10 -19.51 16.67 7.40
N ALA A 11 -20.16 16.36 8.52
CA ALA A 11 -19.46 16.08 9.77
C ALA A 11 -18.65 14.79 9.65
N TYR A 12 -17.66 14.65 10.55
CA TYR A 12 -16.78 13.49 10.51
C TYR A 12 -17.51 12.17 10.74
N ASP A 13 -18.66 12.19 11.41
CA ASP A 13 -19.43 10.99 11.68
C ASP A 13 -20.66 10.85 10.78
N ALA A 14 -20.74 11.66 9.72
CA ALA A 14 -21.92 11.66 8.87
C ALA A 14 -22.04 10.40 8.02
N LEU A 15 -20.94 9.70 7.79
CA LEU A 15 -20.93 8.55 6.89
C LEU A 15 -21.10 7.22 7.63
N GLU A 16 -21.34 7.27 8.94
CA GLU A 16 -21.64 6.04 9.66
C GLU A 16 -22.94 5.45 9.14
N PRO A 17 -23.05 4.11 9.10
CA PRO A 17 -22.06 3.13 9.58
C PRO A 17 -21.07 2.66 8.51
N ASN A 18 -20.96 3.38 7.41
CA ASN A 18 -20.12 2.92 6.32
C ASN A 18 -18.64 3.23 6.56
N ILE A 19 -18.34 4.44 7.01
CA ILE A 19 -16.97 4.84 7.35
C ILE A 19 -16.99 5.47 8.75
N ASP A 20 -16.07 5.03 9.60
CA ASP A 20 -16.08 5.47 11.00
C ASP A 20 -15.59 6.91 11.14
N ALA A 21 -16.06 7.57 12.20
CA ALA A 21 -15.76 8.98 12.40
C ALA A 21 -14.27 9.20 12.66
N GLN A 22 -13.64 8.32 13.44
CA GLN A 22 -12.22 8.48 13.73
C GLN A 22 -11.40 8.44 12.45
N THR A 23 -11.69 7.47 11.58
CA THR A 23 -10.98 7.38 10.30
C THR A 23 -11.21 8.62 9.46
N MET A 24 -12.46 9.08 9.36
CA MET A 24 -12.71 10.27 8.56
C MET A 24 -11.86 11.44 9.05
N GLU A 25 -11.72 11.58 10.37
CA GLU A 25 -10.94 12.70 10.92
C GLU A 25 -9.44 12.50 10.67
N ILE A 26 -8.92 11.30 10.91
CA ILE A 26 -7.49 11.06 10.68
C ILE A 26 -7.16 11.14 9.20
N HIS A 27 -7.97 10.49 8.36
CA HIS A 27 -7.75 10.50 6.91
C HIS A 27 -7.69 11.93 6.38
N HIS A 28 -8.58 12.79 6.87
CA HIS A 28 -8.67 14.16 6.38
C HIS A 28 -7.57 15.04 6.98
N THR A 29 -7.49 15.13 8.31
CA THR A 29 -6.61 16.09 8.97
C THR A 29 -5.15 15.65 9.02
N LYS A 30 -4.86 14.37 8.83
CA LYS A 30 -3.48 13.88 8.85
C LYS A 30 -2.99 13.49 7.47
N HIS A 31 -3.63 12.49 6.85
CA HIS A 31 -3.16 11.99 5.55
C HIS A 31 -3.31 13.05 4.46
N HIS A 32 -4.51 13.64 4.32
CA HIS A 32 -4.70 14.61 3.25
C HIS A 32 -3.88 15.86 3.49
N GLN A 33 -3.87 16.36 4.73
CA GLN A 33 -3.04 17.51 5.10
C GLN A 33 -1.58 17.29 4.72
N THR A 34 -1.06 16.09 4.98
CA THR A 34 0.35 15.84 4.70
C THR A 34 0.65 15.90 3.20
N TYR A 35 -0.22 15.32 2.37
CA TYR A 35 -0.06 15.45 0.92
C TYR A 35 -0.03 16.92 0.52
N ILE A 36 -0.95 17.71 1.07
CA ILE A 36 -1.02 19.12 0.72
C ILE A 36 0.26 19.83 1.15
N ASN A 37 0.71 19.56 2.38
CA ASN A 37 1.93 20.18 2.87
C ASN A 37 3.10 19.85 1.98
N ASN A 38 3.23 18.59 1.59
CA ASN A 38 4.39 18.14 0.83
C ASN A 38 4.39 18.69 -0.58
N VAL A 39 3.23 18.70 -1.25
CA VAL A 39 3.22 19.23 -2.61
C VAL A 39 3.44 20.74 -2.61
N ASN A 40 2.96 21.44 -1.56
CA ASN A 40 3.23 22.87 -1.44
C ASN A 40 4.73 23.12 -1.29
N ALA A 41 5.42 22.28 -0.51
CA ALA A 41 6.85 22.47 -0.31
C ALA A 41 7.60 22.22 -1.61
N ALA A 42 7.16 21.24 -2.39
CA ALA A 42 7.83 20.93 -3.64
C ALA A 42 7.58 22.03 -4.68
N LEU A 43 6.41 22.66 -4.65
CA LEU A 43 6.08 23.69 -5.64
C LEU A 43 6.62 25.08 -5.28
N GLU A 44 7.06 25.29 -4.05
CA GLU A 44 7.48 26.61 -3.62
C GLU A 44 8.61 27.11 -4.52
N GLY A 45 8.48 28.34 -5.00
CA GLY A 45 9.49 28.93 -5.86
C GLY A 45 9.52 28.43 -7.29
N THR A 46 8.52 27.67 -7.72
CA THR A 46 8.48 27.17 -9.09
C THR A 46 7.44 27.93 -9.89
N GLU A 47 7.46 27.71 -11.21
CA GLU A 47 6.48 28.29 -12.11
C GLU A 47 5.14 27.57 -12.09
N TYR A 48 5.02 26.54 -11.26
CA TYR A 48 3.82 25.72 -11.15
C TYR A 48 3.08 25.94 -9.85
N ALA A 49 3.45 26.94 -9.06
CA ALA A 49 2.92 27.08 -7.71
C ALA A 49 1.54 27.73 -7.68
N ASP A 50 0.98 28.13 -8.82
CA ASP A 50 -0.32 28.77 -8.81
C ASP A 50 -1.24 28.15 -9.85
N LEU A 51 -1.25 26.82 -9.94
CA LEU A 51 -2.13 26.06 -10.82
C LEU A 51 -3.15 25.27 -10.02
N PRO A 52 -4.36 25.08 -10.55
CA PRO A 52 -5.29 24.12 -9.94
C PRO A 52 -4.69 22.72 -9.94
N ILE A 53 -4.96 21.96 -8.88
CA ILE A 53 -4.26 20.68 -8.67
C ILE A 53 -4.53 19.72 -9.82
N GLU A 54 -5.76 19.70 -10.34
CA GLU A 54 -6.11 18.78 -11.43
C GLU A 54 -5.35 19.13 -12.69
N GLU A 55 -5.20 20.43 -12.97
CA GLU A 55 -4.41 20.83 -14.13
C GLU A 55 -2.95 20.45 -13.93
N LEU A 56 -2.44 20.65 -12.71
CA LEU A 56 -1.06 20.30 -12.42
C LEU A 56 -0.83 18.81 -12.60
N VAL A 57 -1.69 17.98 -12.01
CA VAL A 57 -1.50 16.53 -12.10
C VAL A 57 -1.65 16.06 -13.55
N SER A 58 -2.51 16.71 -14.33
CA SER A 58 -2.69 16.30 -15.71
C SER A 58 -1.39 16.48 -16.51
N LYS A 59 -0.63 17.53 -16.18
CA LYS A 59 0.61 17.85 -16.88
C LYS A 59 1.83 17.18 -16.28
N LEU A 60 1.63 16.10 -15.51
CA LEU A 60 2.73 15.45 -14.79
C LEU A 60 3.92 15.16 -15.69
N LYS A 61 3.67 14.52 -16.83
CA LYS A 61 4.77 14.07 -17.67
C LYS A 61 5.60 15.22 -18.24
N SER A 62 5.10 16.44 -18.21
CA SER A 62 5.86 17.58 -18.71
C SER A 62 6.67 18.28 -17.61
N LEU A 63 6.54 17.88 -16.35
CA LEU A 63 7.23 18.56 -15.26
C LEU A 63 8.71 18.18 -15.20
N PRO A 64 9.55 19.05 -14.63
CA PRO A 64 10.96 18.70 -14.45
C PRO A 64 11.11 17.44 -13.63
N GLU A 65 12.26 16.77 -13.81
CA GLU A 65 12.47 15.49 -13.17
C GLU A 65 12.35 15.57 -11.67
N ASN A 66 12.89 16.64 -11.06
CA ASN A 66 12.86 16.73 -9.61
C ASN A 66 11.46 16.96 -9.06
N LEU A 67 10.51 17.41 -9.89
CA LEU A 67 9.14 17.61 -9.43
C LEU A 67 8.21 16.45 -9.71
N GLN A 68 8.61 15.49 -10.56
CA GLN A 68 7.66 14.46 -10.97
C GLN A 68 7.28 13.55 -9.82
N GLY A 69 8.25 13.09 -9.03
CA GLY A 69 7.98 12.27 -7.87
C GLY A 69 7.02 12.93 -6.90
N PRO A 70 7.41 14.11 -6.37
CA PRO A 70 6.55 14.78 -5.39
C PRO A 70 5.16 15.11 -5.90
N VAL A 71 5.02 15.56 -7.15
CA VAL A 71 3.71 15.90 -7.65
C VAL A 71 2.89 14.64 -7.90
N ARG A 72 3.53 13.60 -8.45
CA ARG A 72 2.82 12.35 -8.68
C ARG A 72 2.24 11.79 -7.38
N ASN A 73 3.07 11.69 -6.35
CA ASN A 73 2.65 11.11 -5.09
C ASN A 73 1.80 12.07 -4.26
N ASN A 74 2.31 13.28 -4.00
CA ASN A 74 1.62 14.20 -3.10
C ASN A 74 0.56 15.04 -3.81
N GLY A 75 0.86 15.53 -5.01
CA GLY A 75 -0.18 16.16 -5.82
C GLY A 75 -1.28 15.18 -6.19
N GLY A 76 -0.89 13.96 -6.57
CA GLY A 76 -1.89 12.91 -6.76
C GLY A 76 -2.71 12.69 -5.50
N GLY A 77 -2.04 12.61 -4.35
CA GLY A 77 -2.75 12.46 -3.10
C GLY A 77 -3.77 13.56 -2.84
N HIS A 78 -3.38 14.80 -3.14
CA HIS A 78 -4.30 15.93 -2.95
C HIS A 78 -5.49 15.84 -3.89
N ALA A 79 -5.24 15.62 -5.18
CA ALA A 79 -6.34 15.54 -6.13
C ALA A 79 -7.28 14.39 -5.82
N ASN A 80 -6.71 13.22 -5.50
CA ASN A 80 -7.54 12.05 -5.29
C ASN A 80 -8.45 12.23 -4.07
N HIS A 81 -7.90 12.73 -2.97
CA HIS A 81 -8.71 12.86 -1.75
C HIS A 81 -9.71 13.99 -1.87
N SER A 82 -9.35 15.07 -2.57
CA SER A 82 -10.33 16.14 -2.80
C SER A 82 -11.55 15.61 -3.52
N LEU A 83 -11.36 14.78 -4.56
CA LEU A 83 -12.50 14.17 -5.23
C LEU A 83 -13.24 13.24 -4.29
N PHE A 84 -12.50 12.42 -3.53
CA PHE A 84 -13.09 11.40 -2.68
C PHE A 84 -14.12 11.99 -1.73
N TRP A 85 -13.77 13.09 -1.05
CA TRP A 85 -14.68 13.64 -0.06
C TRP A 85 -16.00 14.06 -0.68
N THR A 86 -15.99 14.50 -1.94
CA THR A 86 -17.20 15.05 -2.55
C THR A 86 -18.15 13.97 -3.07
N VAL A 87 -17.65 12.76 -3.36
CA VAL A 87 -18.47 11.71 -3.95
C VAL A 87 -19.01 10.78 -2.86
N LEU A 88 -18.89 11.19 -1.61
CA LEU A 88 -19.49 10.51 -0.48
C LEU A 88 -20.57 11.39 0.10
N SER A 89 -21.58 10.78 0.74
CA SER A 89 -22.67 11.58 1.27
C SER A 89 -23.38 10.81 2.36
N PRO A 90 -23.79 11.48 3.45
CA PRO A 90 -24.61 10.79 4.46
C PRO A 90 -25.95 10.32 3.93
N ASN A 91 -26.40 10.87 2.81
CA ASN A 91 -27.63 10.46 2.13
C ASN A 91 -27.34 9.82 0.78
N GLY A 92 -26.27 9.04 0.70
CA GLY A 92 -25.86 8.42 -0.55
C GLY A 92 -26.48 7.06 -0.76
N GLY A 93 -25.92 6.32 -1.71
CA GLY A 93 -26.43 5.00 -2.03
C GLY A 93 -27.44 5.04 -3.16
N GLY A 94 -28.20 3.95 -3.27
CA GLY A 94 -29.15 3.82 -4.36
C GLY A 94 -28.45 3.73 -5.71
N GLU A 95 -29.21 4.03 -6.77
CA GLU A 95 -28.72 3.89 -8.13
C GLU A 95 -28.46 5.27 -8.75
N PRO A 96 -27.54 5.35 -9.71
CA PRO A 96 -27.31 6.63 -10.39
C PRO A 96 -28.50 7.04 -11.24
N LYS A 97 -28.50 8.31 -11.63
CA LYS A 97 -29.57 8.86 -12.45
C LYS A 97 -28.97 9.82 -13.48
N GLY A 98 -29.85 10.43 -14.27
CA GLY A 98 -29.43 11.40 -15.26
C GLY A 98 -28.52 10.80 -16.33
N GLU A 99 -27.59 11.62 -16.80
CA GLU A 99 -26.77 11.25 -17.95
C GLU A 99 -25.75 10.17 -17.60
N VAL A 100 -25.23 10.16 -16.37
CA VAL A 100 -24.26 9.13 -16.01
C VAL A 100 -24.92 7.77 -16.00
N ALA A 101 -26.18 7.69 -15.59
CA ALA A 101 -26.90 6.42 -15.62
C ALA A 101 -26.98 5.89 -17.03
N LYS A 102 -27.35 6.75 -17.99
CA LYS A 102 -27.46 6.31 -19.38
C LYS A 102 -26.12 5.89 -19.93
N ALA A 103 -25.04 6.58 -19.53
CA ALA A 103 -23.71 6.21 -19.98
C ALA A 103 -23.28 4.87 -19.38
N ILE A 104 -23.65 4.61 -18.13
CA ILE A 104 -23.34 3.32 -17.51
C ILE A 104 -24.04 2.20 -18.27
N ASP A 105 -25.28 2.44 -18.68
CA ASP A 105 -26.00 1.43 -19.46
C ASP A 105 -25.35 1.22 -20.82
N LYS A 106 -25.01 2.31 -21.52
CA LYS A 106 -24.50 2.19 -22.88
C LYS A 106 -23.05 1.70 -22.91
N ASP A 107 -22.20 2.25 -22.04
CA ASP A 107 -20.77 1.94 -22.08
C ASP A 107 -20.39 0.72 -21.25
N LEU A 108 -20.98 0.57 -20.06
CA LEU A 108 -20.56 -0.47 -19.10
C LEU A 108 -21.56 -1.59 -18.95
N GLY A 109 -22.71 -1.53 -19.61
CA GLY A 109 -23.68 -2.61 -19.59
C GLY A 109 -24.62 -2.61 -18.41
N GLY A 110 -24.75 -1.49 -17.70
CA GLY A 110 -25.72 -1.42 -16.63
C GLY A 110 -25.12 -1.26 -15.25
N PHE A 111 -25.93 -0.78 -14.31
CA PHE A 111 -25.43 -0.52 -12.97
C PHE A 111 -24.92 -1.81 -12.30
N GLU A 112 -25.61 -2.93 -12.52
CA GLU A 112 -25.14 -4.17 -11.90
C GLU A 112 -23.79 -4.59 -12.48
N LYS A 113 -23.61 -4.42 -13.79
CA LYS A 113 -22.32 -4.75 -14.41
C LYS A 113 -21.23 -3.79 -13.98
N PHE A 114 -21.57 -2.52 -13.81
CA PHE A 114 -20.59 -1.54 -13.33
C PHE A 114 -20.07 -1.92 -11.94
N LYS A 115 -20.99 -2.24 -11.01
CA LYS A 115 -20.57 -2.59 -9.65
C LYS A 115 -19.72 -3.86 -9.66
N GLU A 116 -20.08 -4.82 -10.50
CA GLU A 116 -19.25 -6.01 -10.64
C GLU A 116 -17.83 -5.63 -11.06
N ALA A 117 -17.70 -4.75 -12.06
CA ALA A 117 -16.39 -4.36 -12.53
C ALA A 117 -15.67 -3.48 -11.52
N PHE A 118 -16.40 -2.55 -10.88
CA PHE A 118 -15.78 -1.68 -9.89
C PHE A 118 -15.28 -2.48 -8.69
N THR A 119 -16.11 -3.39 -8.18
CA THR A 119 -15.70 -4.22 -7.06
C THR A 119 -14.47 -5.06 -7.40
N LYS A 120 -14.45 -5.66 -8.60
CA LYS A 120 -13.31 -6.47 -9.01
C LYS A 120 -12.03 -5.65 -9.07
N ALA A 121 -12.10 -4.46 -9.67
CA ALA A 121 -10.93 -3.58 -9.72
C ALA A 121 -10.48 -3.19 -8.32
N ALA A 122 -11.43 -2.89 -7.43
CA ALA A 122 -11.07 -2.49 -6.08
C ALA A 122 -10.48 -3.65 -5.30
N VAL A 123 -11.01 -4.85 -5.47
CA VAL A 123 -10.52 -6.00 -4.72
C VAL A 123 -9.16 -6.44 -5.24
N SER A 124 -8.95 -6.38 -6.56
CA SER A 124 -7.76 -6.93 -7.18
C SER A 124 -6.57 -5.97 -7.15
N ARG A 125 -6.75 -4.73 -6.69
CA ARG A 125 -5.63 -3.80 -6.59
C ARG A 125 -4.72 -4.25 -5.46
N PHE A 126 -3.57 -4.82 -5.81
CA PHE A 126 -2.65 -5.39 -4.84
C PHE A 126 -1.74 -4.29 -4.33
N GLY A 127 -1.66 -4.16 -3.01
CA GLY A 127 -0.99 -3.01 -2.42
C GLY A 127 -1.89 -1.81 -2.24
N SER A 128 -1.32 -0.61 -2.25
CA SER A 128 -2.10 0.62 -2.08
C SER A 128 -2.60 1.08 -3.44
N GLY A 129 -3.79 1.70 -3.44
CA GLY A 129 -4.29 2.24 -4.69
C GLY A 129 -5.71 2.73 -4.60
N TRP A 130 -6.32 2.87 -5.79
CA TRP A 130 -7.65 3.44 -5.96
C TRP A 130 -8.38 2.67 -7.04
N ALA A 131 -9.70 2.54 -6.88
CA ALA A 131 -10.57 2.08 -7.95
C ALA A 131 -11.33 3.29 -8.48
N TRP A 132 -11.53 3.34 -9.80
CA TRP A 132 -12.04 4.53 -10.46
C TRP A 132 -13.14 4.22 -11.45
N LEU A 133 -14.10 5.14 -11.53
CA LEU A 133 -14.93 5.30 -12.72
C LEU A 133 -14.47 6.59 -13.39
N SER A 134 -14.06 6.50 -14.65
CA SER A 134 -13.44 7.61 -15.35
C SER A 134 -14.07 7.82 -16.72
N VAL A 135 -13.89 9.03 -17.24
CA VAL A 135 -14.29 9.38 -18.61
C VAL A 135 -13.04 9.48 -19.46
N THR A 136 -13.06 8.79 -20.60
CA THR A 136 -11.91 8.72 -21.50
C THR A 136 -11.87 9.94 -22.41
N PRO A 137 -10.75 10.15 -23.12
CA PRO A 137 -10.73 11.26 -24.09
C PRO A 137 -11.81 11.16 -25.14
N ASP A 138 -12.20 9.94 -25.54
CA ASP A 138 -13.33 9.79 -26.47
C ASP A 138 -14.68 9.83 -25.76
N LYS A 139 -14.71 10.31 -24.51
CA LYS A 139 -15.95 10.64 -23.79
C LYS A 139 -16.79 9.40 -23.48
N LYS A 140 -16.12 8.30 -23.12
CA LYS A 140 -16.79 7.09 -22.72
C LYS A 140 -16.35 6.70 -21.30
N LEU A 141 -17.17 5.89 -20.64
CA LEU A 141 -16.89 5.45 -19.29
C LEU A 141 -16.03 4.20 -19.27
N VAL A 142 -15.09 4.16 -18.33
CA VAL A 142 -14.23 3.01 -18.12
C VAL A 142 -14.04 2.81 -16.62
N VAL A 143 -13.98 1.55 -16.21
CA VAL A 143 -13.62 1.19 -14.83
C VAL A 143 -12.14 0.86 -14.81
N GLU A 144 -11.40 1.42 -13.85
CA GLU A 144 -9.97 1.21 -13.81
C GLU A 144 -9.48 1.33 -12.37
N SER A 145 -8.23 0.90 -12.15
CA SER A 145 -7.56 1.08 -10.88
C SER A 145 -6.15 1.62 -11.10
N THR A 146 -5.62 2.29 -10.08
CA THR A 146 -4.28 2.87 -10.13
C THR A 146 -3.51 2.51 -8.87
N ALA A 147 -2.18 2.56 -8.95
CA ALA A 147 -1.32 2.29 -7.82
C ALA A 147 -1.06 3.56 -7.04
N ASN A 148 -0.94 3.42 -5.70
CA ASN A 148 -0.49 4.48 -4.80
C ASN A 148 -1.40 5.70 -4.96
N GLN A 149 -0.90 6.88 -5.32
CA GLN A 149 -1.74 8.04 -5.57
C GLN A 149 -1.77 8.39 -7.05
N ASP A 150 -1.37 7.47 -7.92
CA ASP A 150 -1.43 7.75 -9.35
C ASP A 150 -2.87 8.09 -9.74
N SER A 151 -3.02 9.11 -10.55
CA SER A 151 -4.35 9.55 -10.94
C SER A 151 -4.57 9.30 -12.43
N PRO A 152 -5.77 8.85 -12.82
CA PRO A 152 -6.07 8.77 -14.26
C PRO A 152 -5.90 10.09 -15.00
N LEU A 153 -5.81 11.21 -14.27
CA LEU A 153 -5.68 12.51 -14.92
C LEU A 153 -4.43 12.58 -15.80
N PHE A 154 -3.29 12.09 -15.32
CA PHE A 154 -2.12 12.24 -16.17
C PHE A 154 -2.02 11.18 -17.26
N GLU A 155 -3.02 10.32 -17.41
CA GLU A 155 -3.16 9.41 -18.54
C GLU A 155 -4.27 9.84 -19.48
N GLY A 156 -4.80 11.05 -19.33
CA GLY A 156 -5.83 11.56 -20.21
C GLY A 156 -7.25 11.27 -19.77
N ASN A 157 -7.46 10.50 -18.72
CA ASN A 157 -8.81 10.19 -18.26
C ASN A 157 -9.24 11.15 -17.15
N THR A 158 -10.55 11.34 -17.04
CA THR A 158 -11.12 12.22 -16.03
C THR A 158 -11.90 11.40 -15.02
N PRO A 159 -11.38 11.20 -13.80
CA PRO A 159 -12.12 10.44 -12.80
C PRO A 159 -13.35 11.22 -12.34
N ILE A 160 -14.48 10.52 -12.24
CA ILE A 160 -15.70 11.11 -11.71
C ILE A 160 -16.17 10.42 -10.44
N LEU A 161 -15.62 9.26 -10.12
CA LEU A 161 -15.91 8.51 -8.90
C LEU A 161 -14.69 7.68 -8.55
N GLY A 162 -14.35 7.63 -7.26
CA GLY A 162 -13.17 6.93 -6.81
C GLY A 162 -13.35 6.35 -5.42
N LEU A 163 -12.71 5.21 -5.18
CA LEU A 163 -12.68 4.55 -3.88
C LEU A 163 -11.24 4.34 -3.48
N ASP A 164 -10.86 4.88 -2.33
CA ASP A 164 -9.53 4.73 -1.76
C ASP A 164 -9.37 3.34 -1.16
N VAL A 165 -8.46 2.52 -1.70
CA VAL A 165 -8.22 1.21 -1.11
C VAL A 165 -6.83 1.09 -0.48
N TRP A 166 -6.19 2.23 -0.19
CA TRP A 166 -5.13 2.23 0.80
C TRP A 166 -5.66 1.67 2.11
N GLU A 167 -4.83 0.90 2.81
CA GLU A 167 -5.29 0.32 4.05
C GLU A 167 -5.67 1.36 5.10
N HIS A 168 -5.10 2.57 5.04
CA HIS A 168 -5.47 3.59 6.03
C HIS A 168 -6.93 4.03 5.89
N ALA A 169 -7.54 3.80 4.72
CA ALA A 169 -8.91 4.21 4.46
C ALA A 169 -9.94 3.31 5.12
N TYR A 170 -9.53 2.12 5.57
CA TYR A 170 -10.49 1.16 6.08
C TYR A 170 -10.00 0.29 7.23
N TYR A 171 -8.74 0.37 7.64
CA TYR A 171 -8.23 -0.64 8.56
C TYR A 171 -8.77 -0.49 9.97
N LEU A 172 -9.01 0.75 10.44
CA LEU A 172 -9.46 0.94 11.81
C LEU A 172 -10.78 0.22 12.05
N LYS A 173 -11.70 0.28 11.09
CA LYS A 173 -13.01 -0.34 11.25
C LYS A 173 -13.07 -1.73 10.64
N TYR A 174 -12.45 -1.94 9.50
CA TYR A 174 -12.60 -3.17 8.73
C TYR A 174 -11.38 -4.08 8.79
N GLN A 175 -10.25 -3.62 9.33
CA GLN A 175 -9.00 -4.38 9.30
C GLN A 175 -8.76 -4.95 7.90
N ASN A 176 -8.57 -6.26 7.78
CA ASN A 176 -8.26 -6.84 6.47
C ASN A 176 -9.46 -6.99 5.54
N ARG A 177 -10.67 -6.64 5.99
CA ARG A 177 -11.88 -6.96 5.24
C ARG A 177 -12.19 -5.87 4.20
N ARG A 178 -11.28 -5.76 3.22
CA ARG A 178 -11.51 -4.80 2.15
C ARG A 178 -12.82 -5.06 1.40
N PRO A 179 -13.21 -6.31 1.10
CA PRO A 179 -14.52 -6.50 0.43
C PRO A 179 -15.68 -5.92 1.22
N GLU A 180 -15.66 -6.03 2.55
CA GLU A 180 -16.73 -5.45 3.35
C GLU A 180 -16.79 -3.94 3.17
N TYR A 181 -15.62 -3.30 3.21
CA TYR A 181 -15.52 -1.86 3.01
C TYR A 181 -16.05 -1.44 1.64
N ILE A 182 -15.70 -2.19 0.59
CA ILE A 182 -16.17 -1.88 -0.75
C ILE A 182 -17.69 -1.94 -0.83
N GLY A 183 -18.30 -2.96 -0.23
CA GLY A 183 -19.75 -3.02 -0.20
C GLY A 183 -20.39 -1.84 0.51
N ALA A 184 -19.79 -1.41 1.62
CA ALA A 184 -20.31 -0.25 2.35
C ALA A 184 -20.17 1.02 1.54
N PHE A 185 -19.05 1.18 0.83
CA PHE A 185 -18.83 2.34 -0.02
C PHE A 185 -20.02 2.59 -0.94
N TYR A 186 -20.58 1.51 -1.51
CA TYR A 186 -21.72 1.70 -2.40
C TYR A 186 -22.87 2.40 -1.69
N ASN A 187 -23.04 2.15 -0.40
CA ASN A 187 -24.11 2.77 0.38
C ASN A 187 -23.89 4.27 0.59
N ALA A 188 -22.66 4.77 0.45
CA ALA A 188 -22.34 6.16 0.73
C ALA A 188 -22.06 7.00 -0.50
N VAL A 189 -22.11 6.41 -1.70
CA VAL A 189 -21.79 7.15 -2.92
C VAL A 189 -22.78 8.28 -3.14
N ASN A 190 -22.25 9.46 -3.46
CA ASN A 190 -23.06 10.65 -3.77
C ASN A 190 -23.20 10.69 -5.29
N TRP A 191 -24.22 10.00 -5.80
CA TRP A 191 -24.42 9.92 -7.24
C TRP A 191 -24.88 11.26 -7.82
N GLU A 192 -25.39 12.16 -6.99
CA GLU A 192 -25.67 13.51 -7.48
C GLU A 192 -24.38 14.21 -7.88
N GLU A 193 -23.35 14.11 -7.04
CA GLU A 193 -22.02 14.66 -7.36
C GLU A 193 -21.40 13.93 -8.55
N VAL A 194 -21.54 12.60 -8.61
CA VAL A 194 -20.96 11.85 -9.71
C VAL A 194 -21.56 12.30 -11.04
N GLU A 195 -22.87 12.59 -11.05
CA GLU A 195 -23.51 13.11 -12.24
C GLU A 195 -22.95 14.48 -12.62
N ARG A 196 -22.76 15.36 -11.64
CA ARG A 196 -22.16 16.66 -11.91
C ARG A 196 -20.77 16.48 -12.53
N ARG A 197 -19.95 15.61 -11.94
CA ARG A 197 -18.61 15.40 -12.47
C ARG A 197 -18.67 14.84 -13.88
N TYR A 198 -19.62 13.94 -14.15
CA TYR A 198 -19.79 13.41 -15.50
C TYR A 198 -20.14 14.50 -16.49
N HIS A 199 -21.14 15.32 -16.14
CA HIS A 199 -21.56 16.42 -17.00
C HIS A 199 -20.40 17.36 -17.31
N ALA A 200 -19.56 17.64 -16.31
CA ALA A 200 -18.42 18.52 -16.55
C ALA A 200 -17.42 17.88 -17.48
N ALA A 201 -17.14 16.58 -17.28
CA ALA A 201 -16.29 15.84 -18.21
C ALA A 201 -16.94 15.72 -19.58
N ILE A 202 -18.28 15.79 -19.64
CA ILE A 202 -19.07 15.80 -20.87
C ILE A 202 -18.96 14.46 -21.59
N ALA B 2 2.04 -26.42 -1.33
CA ALA B 2 1.81 -27.21 -0.13
C ALA B 2 2.39 -26.50 1.09
N TYR B 3 2.53 -25.18 0.98
CA TYR B 3 3.00 -24.38 2.11
C TYR B 3 1.93 -24.33 3.19
N THR B 4 2.38 -24.10 4.42
CA THR B 4 1.47 -23.97 5.54
C THR B 4 1.89 -22.77 6.39
N LEU B 5 0.96 -22.30 7.20
CA LEU B 5 1.22 -21.17 8.06
C LEU B 5 2.22 -21.56 9.15
N PRO B 6 3.40 -20.95 9.22
CA PRO B 6 4.31 -21.27 10.32
C PRO B 6 3.81 -20.69 11.63
N GLN B 7 4.07 -21.40 12.71
CA GLN B 7 3.77 -20.87 14.03
C GLN B 7 4.78 -19.78 14.40
N LEU B 8 4.30 -18.74 15.07
CA LEU B 8 5.19 -17.69 15.55
C LEU B 8 6.11 -18.22 16.64
N PRO B 9 7.30 -17.66 16.79
CA PRO B 9 8.18 -18.06 17.89
C PRO B 9 7.78 -17.52 19.26
N TYR B 10 6.63 -16.88 19.37
CA TYR B 10 6.23 -16.17 20.58
C TYR B 10 4.73 -15.93 20.52
N ALA B 11 4.16 -15.57 21.67
CA ALA B 11 2.73 -15.28 21.73
C ALA B 11 2.39 -14.02 20.94
N TYR B 12 1.10 -13.88 20.61
CA TYR B 12 0.65 -12.71 19.85
C TYR B 12 0.86 -11.42 20.60
N ASP B 13 0.91 -11.44 21.93
CA ASP B 13 1.10 -10.24 22.72
C ASP B 13 2.53 -10.10 23.25
N ALA B 14 3.46 -10.94 22.79
CA ALA B 14 4.81 -10.91 23.35
C ALA B 14 5.61 -9.68 22.93
N LEU B 15 5.21 -8.99 21.86
CA LEU B 15 5.96 -7.85 21.34
C LEU B 15 5.45 -6.52 21.85
N GLU B 16 4.49 -6.51 22.77
CA GLU B 16 4.04 -5.28 23.38
C GLU B 16 5.19 -4.66 24.19
N PRO B 17 5.28 -3.33 24.27
CA PRO B 17 4.36 -2.34 23.71
C PRO B 17 4.78 -1.87 22.32
N ASN B 18 5.64 -2.64 21.66
CA ASN B 18 6.13 -2.21 20.36
C ASN B 18 5.13 -2.50 19.25
N ILE B 19 4.55 -3.69 19.26
CA ILE B 19 3.51 -4.07 18.30
C ILE B 19 2.34 -4.66 19.07
N ASP B 20 1.14 -4.17 18.77
CA ASP B 20 -0.03 -4.56 19.54
C ASP B 20 -0.44 -6.00 19.23
N ALA B 21 -1.11 -6.62 20.21
CA ALA B 21 -1.48 -8.02 20.11
C ALA B 21 -2.51 -8.24 19.00
N GLN B 22 -3.46 -7.33 18.86
CA GLN B 22 -4.48 -7.48 17.83
C GLN B 22 -3.86 -7.50 16.44
N THR B 23 -2.92 -6.58 16.18
CA THR B 23 -2.24 -6.54 14.88
C THR B 23 -1.47 -7.83 14.62
N MET B 24 -0.71 -8.31 15.60
CA MET B 24 0.05 -9.55 15.40
C MET B 24 -0.87 -10.70 15.02
N GLU B 25 -2.05 -10.79 15.66
CA GLU B 25 -2.96 -11.89 15.37
C GLU B 25 -3.59 -11.76 13.99
N ILE B 26 -4.07 -10.55 13.64
CA ILE B 26 -4.67 -10.37 12.33
C ILE B 26 -3.63 -10.51 11.23
N HIS B 27 -2.46 -9.88 11.42
CA HIS B 27 -1.38 -9.98 10.43
C HIS B 27 -1.03 -11.43 10.14
N HIS B 28 -1.01 -12.27 11.18
CA HIS B 28 -0.63 -13.67 11.02
C HIS B 28 -1.78 -14.50 10.45
N THR B 29 -2.91 -14.54 11.15
CA THR B 29 -3.97 -15.48 10.80
C THR B 29 -4.80 -15.04 9.60
N LYS B 30 -4.74 -13.75 9.24
CA LYS B 30 -5.52 -13.23 8.12
C LYS B 30 -4.64 -12.91 6.92
N HIS B 31 -3.70 -11.98 7.08
CA HIS B 31 -2.89 -11.55 5.93
C HIS B 31 -1.96 -12.65 5.45
N HIS B 32 -1.16 -13.22 6.35
CA HIS B 32 -0.18 -14.23 5.93
C HIS B 32 -0.87 -15.50 5.42
N GLN B 33 -1.89 -15.96 6.13
CA GLN B 33 -2.68 -17.09 5.66
C GLN B 33 -3.18 -16.88 4.25
N THR B 34 -3.65 -15.67 3.93
CA THR B 34 -4.22 -15.42 2.61
C THR B 34 -3.17 -15.53 1.51
N TYR B 35 -1.99 -14.97 1.72
CA TYR B 35 -0.89 -15.15 0.75
C TYR B 35 -0.60 -16.63 0.53
N ILE B 36 -0.55 -17.40 1.62
CA ILE B 36 -0.26 -18.82 1.52
C ILE B 36 -1.34 -19.55 0.74
N ASN B 37 -2.61 -19.25 1.04
CA ASN B 37 -3.71 -19.86 0.29
C ASN B 37 -3.65 -19.49 -1.18
N ASN B 38 -3.36 -18.23 -1.49
CA ASN B 38 -3.40 -17.78 -2.88
C ASN B 38 -2.29 -18.41 -3.70
N VAL B 39 -1.08 -18.51 -3.16
CA VAL B 39 -0.01 -19.14 -3.94
C VAL B 39 -0.23 -20.65 -4.02
N ASN B 40 -0.82 -21.26 -2.98
CA ASN B 40 -1.12 -22.69 -3.07
C ASN B 40 -2.13 -23.00 -4.19
N ALA B 41 -3.17 -22.16 -4.33
CA ALA B 41 -4.16 -22.42 -5.36
C ALA B 41 -3.57 -22.27 -6.76
N ALA B 42 -2.68 -21.29 -6.94
CA ALA B 42 -2.06 -21.09 -8.25
C ALA B 42 -1.06 -22.20 -8.58
N LEU B 43 -0.36 -22.73 -7.59
CA LEU B 43 0.63 -23.78 -7.84
C LEU B 43 0.03 -25.17 -7.98
N GLU B 44 -1.22 -25.36 -7.56
CA GLU B 44 -1.83 -26.69 -7.56
C GLU B 44 -1.85 -27.29 -8.96
N GLY B 45 -1.38 -28.53 -9.07
CA GLY B 45 -1.32 -29.23 -10.33
C GLY B 45 -0.19 -28.81 -11.25
N THR B 46 0.74 -27.98 -10.77
CA THR B 46 1.88 -27.57 -11.57
C THR B 46 3.14 -28.28 -11.11
N GLU B 47 4.19 -28.16 -11.91
CA GLU B 47 5.48 -28.73 -11.58
C GLU B 47 6.27 -27.88 -10.59
N TYR B 48 5.71 -26.75 -10.13
CA TYR B 48 6.38 -25.87 -9.19
C TYR B 48 5.75 -25.92 -7.81
N ALA B 49 4.88 -26.90 -7.54
CA ALA B 49 4.12 -26.94 -6.31
C ALA B 49 4.89 -27.55 -5.14
N ASP B 50 6.11 -28.03 -5.35
CA ASP B 50 6.88 -28.69 -4.31
C ASP B 50 8.27 -28.09 -4.20
N LEU B 51 8.36 -26.76 -4.24
CA LEU B 51 9.60 -26.03 -4.08
C LEU B 51 9.59 -25.25 -2.76
N PRO B 52 10.75 -25.08 -2.12
CA PRO B 52 10.82 -24.14 -1.01
C PRO B 52 10.45 -22.74 -1.47
N ILE B 53 9.78 -21.98 -0.60
CA ILE B 53 9.24 -20.69 -1.00
C ILE B 53 10.36 -19.76 -1.49
N GLU B 54 11.51 -19.82 -0.84
CA GLU B 54 12.63 -18.95 -1.23
C GLU B 54 13.16 -19.30 -2.62
N GLU B 55 13.22 -20.59 -2.95
CA GLU B 55 13.66 -20.98 -4.28
C GLU B 55 12.66 -20.54 -5.36
N LEU B 56 11.36 -20.72 -5.09
CA LEU B 56 10.35 -20.36 -6.08
C LEU B 56 10.38 -18.87 -6.39
N VAL B 57 10.47 -18.03 -5.36
CA VAL B 57 10.48 -16.59 -5.57
C VAL B 57 11.74 -16.16 -6.32
N SER B 58 12.85 -16.86 -6.11
CA SER B 58 14.10 -16.51 -6.80
C SER B 58 13.97 -16.73 -8.31
N LYS B 59 13.26 -17.77 -8.72
CA LYS B 59 13.10 -18.12 -10.13
C LYS B 59 11.88 -17.47 -10.77
N LEU B 60 11.37 -16.39 -10.18
CA LEU B 60 10.13 -15.77 -10.64
C LEU B 60 10.14 -15.49 -12.14
N LYS B 61 11.18 -14.81 -12.63
CA LYS B 61 11.19 -14.39 -14.03
C LYS B 61 11.24 -15.56 -15.00
N SER B 62 11.61 -16.75 -14.52
CA SER B 62 11.70 -17.95 -15.36
C SER B 62 10.41 -18.75 -15.38
N LEU B 63 9.43 -18.38 -14.57
CA LEU B 63 8.16 -19.07 -14.51
C LEU B 63 7.30 -18.70 -15.71
N PRO B 64 6.33 -19.54 -16.06
CA PRO B 64 5.40 -19.17 -17.14
C PRO B 64 4.68 -17.87 -16.82
N GLU B 65 4.20 -17.21 -17.87
CA GLU B 65 3.55 -15.92 -17.71
C GLU B 65 2.34 -16.00 -16.79
N ASN B 66 1.55 -17.07 -16.91
CA ASN B 66 0.32 -17.16 -16.13
C ASN B 66 0.57 -17.41 -14.65
N LEU B 67 1.81 -17.69 -14.24
CA LEU B 67 2.12 -17.92 -12.84
CA LEU B 67 2.12 -17.92 -12.84
C LEU B 67 2.90 -16.79 -12.19
N GLN B 68 3.53 -15.92 -12.97
CA GLN B 68 4.41 -14.89 -12.41
C GLN B 68 3.66 -13.94 -11.50
N GLY B 69 2.46 -13.51 -11.90
CA GLY B 69 1.63 -12.66 -11.08
C GLY B 69 1.38 -13.21 -9.69
N PRO B 70 0.76 -14.39 -9.62
CA PRO B 70 0.48 -14.99 -8.30
C PRO B 70 1.72 -15.27 -7.46
N VAL B 71 2.83 -15.70 -8.08
CA VAL B 71 4.02 -16.03 -7.29
C VAL B 71 4.69 -14.77 -6.78
N ARG B 72 4.79 -13.73 -7.62
CA ARG B 72 5.42 -12.49 -7.19
C ARG B 72 4.69 -11.90 -5.98
N ASN B 73 3.37 -11.78 -6.07
CA ASN B 73 2.61 -11.13 -5.01
C ASN B 73 2.40 -12.07 -3.83
N ASN B 74 1.85 -13.27 -4.07
CA ASN B 74 1.45 -14.12 -2.96
C ASN B 74 2.59 -15.00 -2.47
N GLY B 75 3.39 -15.56 -3.37
CA GLY B 75 4.61 -16.20 -2.94
C GLY B 75 5.53 -15.21 -2.25
N GLY B 76 5.64 -14.01 -2.83
CA GLY B 76 6.38 -12.94 -2.17
C GLY B 76 5.85 -12.64 -0.78
N GLY B 77 4.53 -12.52 -0.64
CA GLY B 77 3.96 -12.31 0.68
C GLY B 77 4.34 -13.40 1.66
N HIS B 78 4.34 -14.64 1.20
CA HIS B 78 4.65 -15.76 2.09
C HIS B 78 6.10 -15.72 2.56
N ALA B 79 7.04 -15.60 1.61
CA ALA B 79 8.44 -15.57 2.01
C ALA B 79 8.73 -14.39 2.93
N ASN B 80 8.19 -13.20 2.60
CA ASN B 80 8.52 -12.00 3.37
C ASN B 80 8.00 -12.09 4.80
N HIS B 81 6.75 -12.53 4.98
CA HIS B 81 6.20 -12.56 6.33
C HIS B 81 6.80 -13.69 7.15
N SER B 82 7.12 -14.81 6.51
CA SER B 82 7.83 -15.88 7.20
C SER B 82 9.15 -15.38 7.77
N LEU B 83 9.90 -14.61 6.99
CA LEU B 83 11.12 -14.02 7.50
C LEU B 83 10.82 -13.01 8.60
N PHE B 84 9.81 -12.16 8.40
CA PHE B 84 9.50 -11.09 9.35
C PHE B 84 9.27 -11.60 10.76
N TRP B 85 8.46 -12.66 10.91
CA TRP B 85 8.14 -13.14 12.25
C TRP B 85 9.38 -13.58 13.01
N THR B 86 10.38 -14.10 12.30
CA THR B 86 11.53 -14.68 12.99
C THR B 86 12.54 -13.63 13.41
N VAL B 87 12.56 -12.45 12.78
CA VAL B 87 13.58 -11.46 13.11
C VAL B 87 13.05 -10.50 14.16
N LEU B 88 11.92 -10.85 14.77
CA LEU B 88 11.40 -10.11 15.91
C LEU B 88 11.46 -10.98 17.16
N SER B 89 11.54 -10.33 18.32
CA SER B 89 11.64 -11.10 19.56
C SER B 89 11.23 -10.22 20.73
N PRO B 90 10.54 -10.77 21.73
CA PRO B 90 10.26 -9.99 22.94
C PRO B 90 11.53 -9.59 23.69
N ASN B 91 12.64 -10.26 23.43
CA ASN B 91 13.93 -9.93 24.03
C ASN B 91 14.88 -9.36 22.98
N GLY B 92 14.33 -8.61 22.04
CA GLY B 92 15.09 -8.04 20.95
C GLY B 92 15.60 -6.65 21.27
N GLY B 93 16.00 -5.95 20.21
CA GLY B 93 16.53 -4.61 20.36
C GLY B 93 18.04 -4.63 20.54
N GLY B 94 18.55 -3.51 21.05
CA GLY B 94 19.98 -3.38 21.20
C GLY B 94 20.68 -3.34 19.85
N GLU B 95 21.96 -3.63 19.90
CA GLU B 95 22.83 -3.55 18.73
C GLU B 95 23.19 -4.95 18.25
N PRO B 96 23.56 -5.10 16.98
CA PRO B 96 24.05 -6.39 16.51
C PRO B 96 25.39 -6.73 17.14
N LYS B 97 25.74 -8.00 17.03
CA LYS B 97 27.00 -8.52 17.54
C LYS B 97 27.53 -9.52 16.53
N GLY B 98 28.65 -10.15 16.86
CA GLY B 98 29.18 -11.16 15.97
C GLY B 98 29.54 -10.63 14.61
N GLU B 99 29.39 -11.48 13.60
CA GLU B 99 29.85 -11.13 12.26
C GLU B 99 28.94 -10.10 11.60
N VAL B 100 27.64 -10.08 11.93
CA VAL B 100 26.77 -9.07 11.34
C VAL B 100 27.19 -7.67 11.79
N ALA B 101 27.63 -7.54 13.05
CA ALA B 101 28.15 -6.27 13.51
C ALA B 101 29.39 -5.87 12.70
N LYS B 102 30.32 -6.81 12.53
CA LYS B 102 31.55 -6.53 11.77
C LYS B 102 31.24 -6.27 10.31
N ALA B 103 30.25 -6.95 9.75
CA ALA B 103 29.85 -6.69 8.36
C ALA B 103 29.18 -5.33 8.23
N ILE B 104 28.34 -4.97 9.20
CA ILE B 104 27.72 -3.65 9.19
C ILE B 104 28.79 -2.57 9.29
N ASP B 105 29.80 -2.80 10.11
CA ASP B 105 30.89 -1.82 10.22
C ASP B 105 31.64 -1.69 8.91
N LYS B 106 31.99 -2.82 8.28
CA LYS B 106 32.80 -2.78 7.07
C LYS B 106 32.01 -2.35 5.86
N ASP B 107 30.78 -2.85 5.69
CA ASP B 107 30.04 -2.61 4.46
C ASP B 107 29.23 -1.32 4.50
N LEU B 108 28.59 -1.01 5.62
CA LEU B 108 27.68 0.13 5.73
C LEU B 108 28.22 1.28 6.55
N GLY B 109 29.39 1.15 7.16
CA GLY B 109 29.97 2.25 7.91
C GLY B 109 29.50 2.37 9.34
N GLY B 110 28.97 1.30 9.92
CA GLY B 110 28.58 1.34 11.31
C GLY B 110 27.09 1.18 11.56
N PHE B 111 26.73 0.80 12.78
CA PHE B 111 25.33 0.56 13.11
C PHE B 111 24.53 1.85 12.98
N GLU B 112 25.12 2.99 13.37
CA GLU B 112 24.39 4.26 13.28
C GLU B 112 24.09 4.62 11.83
N LYS B 113 25.02 4.34 10.92
CA LYS B 113 24.77 4.60 9.51
C LYS B 113 23.73 3.62 8.94
N PHE B 114 23.80 2.36 9.35
CA PHE B 114 22.82 1.40 8.87
C PHE B 114 21.42 1.84 9.25
N LYS B 115 21.21 2.23 10.51
CA LYS B 115 19.88 2.65 10.95
C LYS B 115 19.43 3.90 10.21
N GLU B 116 20.34 4.84 9.95
CA GLU B 116 19.99 6.00 9.14
C GLU B 116 19.50 5.58 7.76
N ALA B 117 20.20 4.64 7.13
CA ALA B 117 19.79 4.19 5.79
C ALA B 117 18.52 3.34 5.86
N PHE B 118 18.45 2.45 6.85
CA PHE B 118 17.27 1.61 6.96
C PHE B 118 16.03 2.45 7.21
N THR B 119 16.12 3.40 8.14
CA THR B 119 14.99 4.28 8.42
C THR B 119 14.61 5.10 7.19
N LYS B 120 15.60 5.66 6.48
CA LYS B 120 15.27 6.43 5.28
C LYS B 120 14.56 5.58 4.25
N ALA B 121 15.05 4.36 4.02
CA ALA B 121 14.39 3.48 3.07
C ALA B 121 12.96 3.15 3.52
N ALA B 122 12.76 2.92 4.82
CA ALA B 122 11.43 2.60 5.31
C ALA B 122 10.50 3.81 5.22
N VAL B 123 11.01 5.01 5.52
CA VAL B 123 10.19 6.21 5.48
C VAL B 123 9.88 6.58 4.04
N SER B 124 10.83 6.38 3.13
CA SER B 124 10.69 6.85 1.77
C SER B 124 9.87 5.92 0.88
N ARG B 125 9.52 4.72 1.35
CA ARG B 125 8.71 3.80 0.56
C ARG B 125 7.28 4.32 0.52
N PHE B 126 6.87 4.83 -0.64
CA PHE B 126 5.55 5.40 -0.81
C PHE B 126 4.57 4.31 -1.20
N GLY B 127 3.47 4.21 -0.47
CA GLY B 127 2.57 3.08 -0.64
C GLY B 127 2.99 1.89 0.19
N SER B 128 2.62 0.68 -0.23
CA SER B 128 2.93 -0.54 0.49
C SER B 128 4.30 -1.08 0.07
N GLY B 129 5.01 -1.68 1.03
CA GLY B 129 6.30 -2.28 0.71
C GLY B 129 7.07 -2.70 1.94
N TRP B 130 8.37 -2.91 1.75
CA TRP B 130 9.28 -3.44 2.76
C TRP B 130 10.62 -2.72 2.70
N ALA B 131 11.27 -2.60 3.86
CA ALA B 131 12.66 -2.17 3.96
C ALA B 131 13.51 -3.39 4.29
N TRP B 132 14.68 -3.49 3.67
CA TRP B 132 15.49 -4.72 3.74
C TRP B 132 16.95 -4.43 4.07
N LEU B 133 17.56 -5.33 4.83
CA LEU B 133 19.01 -5.54 4.85
C LEU B 133 19.27 -6.87 4.14
N SER B 134 20.10 -6.84 3.11
CA SER B 134 20.28 -7.99 2.24
C SER B 134 21.75 -8.30 2.03
N VAL B 135 22.00 -9.54 1.60
CA VAL B 135 23.32 -10.00 1.20
C VAL B 135 23.32 -10.14 -0.31
N THR B 136 24.30 -9.52 -0.95
CA THR B 136 24.40 -9.49 -2.40
C THR B 136 25.10 -10.74 -2.91
N PRO B 137 25.07 -11.00 -4.22
CA PRO B 137 25.88 -12.11 -4.76
C PRO B 137 27.37 -11.96 -4.49
N ASP B 138 27.88 -10.73 -4.45
CA ASP B 138 29.26 -10.47 -4.08
C ASP B 138 29.48 -10.46 -2.57
N LYS B 139 28.52 -11.01 -1.81
CA LYS B 139 28.68 -11.25 -0.37
C LYS B 139 28.84 -9.96 0.42
N LYS B 140 28.10 -8.92 0.03
CA LYS B 140 28.12 -7.66 0.75
C LYS B 140 26.70 -7.27 1.16
N LEU B 141 26.62 -6.45 2.19
CA LEU B 141 25.34 -5.99 2.73
C LEU B 141 24.88 -4.74 1.99
N VAL B 142 23.59 -4.66 1.72
CA VAL B 142 22.98 -3.48 1.12
C VAL B 142 21.66 -3.23 1.82
N VAL B 143 21.30 -1.96 1.98
CA VAL B 143 19.97 -1.57 2.45
C VAL B 143 19.14 -1.18 1.24
N GLU B 144 17.91 -1.68 1.17
CA GLU B 144 17.05 -1.42 0.02
C GLU B 144 15.60 -1.52 0.45
N SER B 145 14.70 -1.04 -0.41
CA SER B 145 13.26 -1.20 -0.22
C SER B 145 12.63 -1.71 -1.51
N THR B 146 11.49 -2.39 -1.36
CA THR B 146 10.76 -2.98 -2.47
C THR B 146 9.28 -2.63 -2.34
N ALA B 147 8.58 -2.70 -3.47
CA ALA B 147 7.15 -2.38 -3.49
C ALA B 147 6.32 -3.63 -3.20
N ASN B 148 5.19 -3.44 -2.52
CA ASN B 148 4.16 -4.47 -2.30
C ASN B 148 4.79 -5.69 -1.65
N GLN B 149 4.78 -6.87 -2.26
CA GLN B 149 5.46 -8.04 -1.69
C GLN B 149 6.66 -8.46 -2.52
N ASP B 150 7.17 -7.55 -3.37
CA ASP B 150 8.39 -7.86 -4.12
C ASP B 150 9.51 -8.19 -3.15
N SER B 151 10.25 -9.22 -3.47
CA SER B 151 11.34 -9.67 -2.60
C SER B 151 12.69 -9.47 -3.28
N PRO B 152 13.71 -9.05 -2.54
CA PRO B 152 15.07 -9.04 -3.11
C PRO B 152 15.53 -10.39 -3.62
N LEU B 153 14.84 -11.48 -3.25
CA LEU B 153 15.25 -12.81 -3.69
C LEU B 153 15.28 -12.92 -5.21
N PHE B 154 14.26 -12.39 -5.91
CA PHE B 154 14.30 -12.50 -7.36
C PHE B 154 15.20 -11.45 -8.01
N GLU B 155 15.95 -10.69 -7.22
CA GLU B 155 16.99 -9.81 -7.72
C GLU B 155 18.38 -10.33 -7.38
N GLY B 156 18.49 -11.57 -6.93
CA GLY B 156 19.77 -12.17 -6.62
C GLY B 156 20.26 -11.96 -5.21
N ASN B 157 19.57 -11.15 -4.41
CA ASN B 157 19.96 -10.82 -3.05
C ASN B 157 19.26 -11.72 -2.04
N THR B 158 19.88 -11.87 -0.88
CA THR B 158 19.30 -12.68 0.19
C THR B 158 18.98 -11.80 1.39
N PRO B 159 17.73 -11.45 1.60
CA PRO B 159 17.38 -10.60 2.75
C PRO B 159 17.63 -11.32 4.06
N ILE B 160 18.21 -10.60 5.02
CA ILE B 160 18.42 -11.14 6.36
C ILE B 160 17.66 -10.39 7.42
N LEU B 161 17.13 -9.22 7.11
CA LEU B 161 16.32 -8.44 8.03
C LEU B 161 15.34 -7.66 7.18
N GLY B 162 14.09 -7.58 7.62
CA GLY B 162 13.08 -6.88 6.85
C GLY B 162 12.06 -6.25 7.78
N LEU B 163 11.55 -5.08 7.37
CA LEU B 163 10.50 -4.37 8.09
C LEU B 163 9.32 -4.17 7.16
N ASP B 164 8.17 -4.72 7.55
CA ASP B 164 6.92 -4.56 6.80
C ASP B 164 6.39 -3.16 7.03
N VAL B 165 6.27 -2.36 5.96
CA VAL B 165 5.70 -1.04 6.10
C VAL B 165 4.38 -0.90 5.35
N TRP B 166 3.73 -2.02 5.02
CA TRP B 166 2.31 -1.95 4.71
C TRP B 166 1.58 -1.34 5.89
N GLU B 167 0.58 -0.52 5.61
CA GLU B 167 -0.15 0.12 6.70
C GLU B 167 -0.84 -0.89 7.63
N HIS B 168 -1.16 -2.10 7.16
CA HIS B 168 -1.77 -3.07 8.06
C HIS B 168 -0.81 -3.51 9.16
N ALA B 169 0.50 -3.34 8.96
CA ALA B 169 1.45 -3.74 9.98
C ALA B 169 1.53 -2.73 11.13
N TYR B 170 0.97 -1.54 10.97
CA TYR B 170 1.13 -0.53 12.01
C TYR B 170 -0.06 0.39 12.22
N TYR B 171 -1.15 0.29 11.45
CA TYR B 171 -2.15 1.33 11.55
C TYR B 171 -2.98 1.24 12.83
N LEU B 172 -3.25 0.02 13.34
CA LEU B 172 -4.10 -0.10 14.53
C LEU B 172 -3.53 0.67 15.71
N LYS B 173 -2.22 0.59 15.93
CA LYS B 173 -1.59 1.25 17.06
C LYS B 173 -1.01 2.62 16.73
N TYR B 174 -0.43 2.79 15.55
CA TYR B 174 0.31 4.01 15.20
C TYR B 174 -0.38 4.90 14.19
N GLN B 175 -1.47 4.44 13.57
CA GLN B 175 -2.13 5.14 12.49
C GLN B 175 -1.10 5.61 11.46
N ASN B 176 -1.06 6.91 11.18
CA ASN B 176 -0.19 7.43 10.14
C ASN B 176 1.26 7.61 10.59
N ARG B 177 1.58 7.33 11.86
CA ARG B 177 2.90 7.66 12.40
C ARG B 177 3.89 6.52 12.17
N ARG B 178 4.18 6.28 10.89
CA ARG B 178 5.17 5.26 10.54
C ARG B 178 6.54 5.45 11.17
N PRO B 179 7.11 6.67 11.25
CA PRO B 179 8.41 6.81 11.92
C PRO B 179 8.40 6.27 13.35
N GLU B 180 7.31 6.52 14.09
CA GLU B 180 7.19 5.96 15.43
C GLU B 180 7.20 4.44 15.39
N TYR B 181 6.46 3.86 14.45
CA TYR B 181 6.47 2.40 14.27
C TYR B 181 7.87 1.89 13.94
N ILE B 182 8.58 2.59 13.05
CA ILE B 182 9.93 2.17 12.72
C ILE B 182 10.82 2.20 13.97
N GLY B 183 10.66 3.23 14.80
CA GLY B 183 11.41 3.30 16.05
C GLY B 183 11.14 2.11 16.96
N ALA B 184 9.87 1.68 17.04
CA ALA B 184 9.54 0.51 17.85
C ALA B 184 10.15 -0.76 17.28
N PHE B 185 10.17 -0.89 15.94
CA PHE B 185 10.78 -2.05 15.30
C PHE B 185 12.20 -2.27 15.80
N TYR B 186 12.98 -1.19 15.94
CA TYR B 186 14.35 -1.33 16.42
C TYR B 186 14.40 -1.95 17.81
N ASN B 187 13.41 -1.66 18.65
CA ASN B 187 13.36 -2.21 20.00
CA ASN B 187 13.37 -2.22 20.00
C ASN B 187 13.05 -3.71 20.02
N ALA B 188 12.57 -4.27 18.91
CA ALA B 188 12.17 -5.67 18.86
C ALA B 188 13.03 -6.51 17.93
N VAL B 189 14.02 -5.94 17.24
CA VAL B 189 14.79 -6.71 16.29
C VAL B 189 15.54 -7.83 17.01
N ASN B 190 15.45 -9.04 16.47
CA ASN B 190 16.11 -10.22 17.01
C ASN B 190 17.42 -10.37 16.25
N TRP B 191 18.47 -9.72 16.78
CA TRP B 191 19.76 -9.73 16.12
C TRP B 191 20.45 -11.09 16.16
N GLU B 192 20.06 -11.95 17.11
CA GLU B 192 20.53 -13.32 17.09
C GLU B 192 20.01 -14.07 15.86
N GLU B 193 18.73 -13.88 15.54
CA GLU B 193 18.20 -14.43 14.30
C GLU B 193 18.86 -13.81 13.08
N VAL B 194 19.07 -12.48 13.10
CA VAL B 194 19.71 -11.83 11.97
C VAL B 194 21.11 -12.39 11.76
N GLU B 195 21.83 -12.65 12.86
CA GLU B 195 23.16 -13.24 12.74
C GLU B 195 23.08 -14.63 12.13
N ARG B 196 22.09 -15.42 12.54
CA ARG B 196 21.90 -16.75 11.97
C ARG B 196 21.72 -16.69 10.45
N ARG B 197 20.81 -15.82 9.98
CA ARG B 197 20.55 -15.72 8.55
C ARG B 197 21.76 -15.23 7.77
N TYR B 198 22.55 -14.33 8.37
CA TYR B 198 23.75 -13.84 7.72
C TYR B 198 24.75 -14.98 7.48
N HIS B 199 25.01 -15.79 8.52
CA HIS B 199 25.92 -16.93 8.37
C HIS B 199 25.48 -17.83 7.21
N ALA B 200 24.17 -18.07 7.08
CA ALA B 200 23.68 -18.92 6.01
C ALA B 200 23.84 -18.27 4.65
N ALA B 201 23.53 -16.97 4.54
CA ALA B 201 23.67 -16.27 3.27
C ALA B 201 25.11 -16.23 2.79
N ILE B 202 26.08 -16.29 3.71
CA ILE B 202 27.47 -16.37 3.33
C ILE B 202 27.97 -17.81 3.36
MN MN C . -6.26 7.95 1.54
MN MN D . 2.24 -7.59 6.12
#